data_5CTJ
#
_entry.id   5CTJ
#
_cell.length_a   98.764
_cell.length_b   98.764
_cell.length_c   165.070
_cell.angle_alpha   90.00
_cell.angle_beta   90.00
_cell.angle_gamma   90.00
#
_symmetry.space_group_name_H-M   'I 4 2 2'
#
loop_
_entity.id
_entity.type
_entity.pdbx_description
1 polymer 'N5-carboxyaminoimidazole ribonucleotide mutase'
2 non-polymer 'SULFATE ION'
3 non-polymer 1,2-ETHANEDIOL
4 non-polymer 'CHLORIDE ION'
5 non-polymer 2-(2-METHOXYETHOXY)ETHANOL
6 water water
#
_entity_poly.entity_id   1
_entity_poly.type   'polypeptide(L)'
_entity_poly.pdbx_seq_one_letter_code
;MMSETAPLPSASSALEDKAASAPVVGIIMGSQSDFETMRHADALLTELEIPHETLIVSAHRTPDRLADYARTAAERGLNV
IIAGAGGAAHLPGMCAA(FTR)TRLPVLGVPVESRALKGMDSLLSIVQMPGGVPVGTLAIGASGAKNAALLAASILALYN
PALAARLETFRALQTASVPNSPITEDK
;
_entity_poly.pdbx_strand_id   A,B
#
loop_
_chem_comp.id
_chem_comp.type
_chem_comp.name
_chem_comp.formula
CL non-polymer 'CHLORIDE ION' 'Cl -1'
EDO non-polymer 1,2-ETHANEDIOL 'C2 H6 O2'
PG0 non-polymer 2-(2-METHOXYETHOXY)ETHANOL 'C5 H12 O3'
SO4 non-polymer 'SULFATE ION' 'O4 S -2'
#
# COMPACT_ATOMS: atom_id res chain seq x y z
N ALA A 22 -7.01 -0.54 22.85
CA ALA A 22 -6.05 -1.47 22.25
C ALA A 22 -5.67 -1.03 20.84
N PRO A 23 -4.38 -1.05 20.51
CA PRO A 23 -3.92 -0.52 19.22
C PRO A 23 -4.40 -1.36 18.05
N VAL A 24 -4.82 -0.72 16.98
CA VAL A 24 -5.15 -1.43 15.75
C VAL A 24 -4.12 -1.12 14.66
N VAL A 25 -3.26 -0.14 14.92
CA VAL A 25 -2.14 0.16 14.02
C VAL A 25 -0.86 0.20 14.83
N GLY A 26 0.18 -0.43 14.31
CA GLY A 26 1.50 -0.32 14.91
C GLY A 26 2.38 0.52 14.00
N ILE A 27 2.96 1.58 14.55
CA ILE A 27 3.98 2.36 13.83
C ILE A 27 5.33 1.98 14.39
N ILE A 28 6.19 1.44 13.54
CA ILE A 28 7.51 1.06 14.00
C ILE A 28 8.58 1.70 13.13
N MET A 29 9.75 1.92 13.72
CA MET A 29 10.82 2.57 13.00
C MET A 29 12.15 2.09 13.54
N GLY A 30 13.17 2.16 12.70
CA GLY A 30 14.44 1.58 13.05
C GLY A 30 15.22 2.31 14.12
N SER A 31 14.97 3.60 14.29
CA SER A 31 15.78 4.39 15.23
C SER A 31 15.08 5.65 15.72
N GLN A 32 15.59 6.22 16.81
CA GLN A 32 15.05 7.48 17.32
C GLN A 32 15.04 8.59 16.25
N SER A 33 16.09 8.67 15.44
CA SER A 33 16.20 9.74 14.46
C SER A 33 15.08 9.62 13.40
N ASP A 34 14.63 8.39 13.14
CA ASP A 34 13.53 8.16 12.21
C ASP A 34 12.23 8.83 12.69
N PHE A 35 12.12 9.09 13.99
CA PHE A 35 10.89 9.63 14.54
C PHE A 35 10.63 11.06 14.05
N GLU A 36 11.68 11.79 13.67
CA GLU A 36 11.48 13.12 13.11
C GLU A 36 10.57 13.03 11.88
N THR A 37 10.66 11.89 11.19
CA THR A 37 9.78 11.60 10.06
C THR A 37 8.49 10.90 10.48
N MET A 38 8.61 9.84 11.28
CA MET A 38 7.46 9.00 11.59
C MET A 38 6.48 9.65 12.59
N ARG A 39 6.89 10.72 13.26
CA ARG A 39 5.97 11.43 14.15
C ARG A 39 4.76 11.99 13.38
N HIS A 40 4.92 12.22 12.09
CA HIS A 40 3.82 12.72 11.27
C HIS A 40 2.72 11.66 11.09
N ALA A 41 3.12 10.39 11.05
CA ALA A 41 2.16 9.29 11.04
C ALA A 41 1.46 9.20 12.40
N ASP A 42 2.25 9.27 13.46
CA ASP A 42 1.71 9.23 14.82
C ASP A 42 0.68 10.35 15.03
N ALA A 43 1.01 11.56 14.59
CA ALA A 43 0.12 12.70 14.80
C ALA A 43 -1.21 12.51 14.07
N LEU A 44 -1.13 12.00 12.85
CA LEU A 44 -2.30 11.83 12.01
C LEU A 44 -3.23 10.75 12.58
N LEU A 45 -2.68 9.63 13.02
CA LEU A 45 -3.51 8.60 13.64
C LEU A 45 -4.23 9.15 14.87
N THR A 46 -3.52 9.96 15.66
CA THR A 46 -4.14 10.58 16.84
C THR A 46 -5.24 11.53 16.43
N GLU A 47 -4.98 12.33 15.41
CA GLU A 47 -5.97 13.29 14.91
C GLU A 47 -7.26 12.58 14.48
N LEU A 48 -7.11 11.41 13.86
CA LEU A 48 -8.26 10.62 13.42
C LEU A 48 -8.79 9.67 14.50
N GLU A 49 -8.19 9.75 15.69
CA GLU A 49 -8.59 8.94 16.85
C GLU A 49 -8.55 7.44 16.55
N ILE A 50 -7.45 7.02 15.95
CA ILE A 50 -7.19 5.61 15.71
C ILE A 50 -6.20 5.11 16.77
N PRO A 51 -6.65 4.16 17.61
CA PRO A 51 -5.77 3.64 18.66
C PRO A 51 -4.54 2.99 18.03
N HIS A 52 -3.35 3.36 18.50
CA HIS A 52 -2.13 2.85 17.89
C HIS A 52 -0.98 2.81 18.89
N GLU A 53 0.07 2.09 18.52
CA GLU A 53 1.30 2.09 19.29
C GLU A 53 2.42 2.60 18.41
N THR A 54 3.36 3.32 19.01
CA THR A 54 4.46 3.89 18.25
C THR A 54 5.76 3.43 18.89
N LEU A 55 6.55 2.64 18.15
CA LEU A 55 7.64 1.89 18.75
C LEU A 55 8.91 1.94 17.89
N ILE A 56 10.04 1.72 18.53
CA ILE A 56 11.30 1.52 17.80
C ILE A 56 11.56 0.02 17.69
N VAL A 57 11.73 -0.44 16.47
CA VAL A 57 12.08 -1.83 16.15
C VAL A 57 13.13 -1.78 15.03
N SER A 58 14.33 -2.24 15.30
CA SER A 58 15.40 -2.16 14.31
C SER A 58 15.60 -3.51 13.61
N ALA A 59 15.46 -3.55 12.28
CA ALA A 59 15.65 -4.81 11.56
C ALA A 59 17.06 -5.36 11.80
N HIS A 60 18.03 -4.45 11.78
CA HIS A 60 19.44 -4.86 11.79
C HIS A 60 19.98 -5.02 13.20
N ARG A 61 19.52 -4.17 14.11
CA ARG A 61 20.06 -4.22 15.48
C ARG A 61 19.17 -5.01 16.46
N THR A 62 17.86 -5.11 16.19
CA THR A 62 16.99 -5.93 17.03
C THR A 62 16.18 -6.92 16.20
N PRO A 63 16.86 -7.82 15.46
CA PRO A 63 16.11 -8.70 14.53
C PRO A 63 15.17 -9.65 15.27
N ASP A 64 15.53 -10.12 16.48
CA ASP A 64 14.61 -10.97 17.24
C ASP A 64 13.39 -10.18 17.72
N ARG A 65 13.59 -8.93 18.09
CA ARG A 65 12.48 -8.07 18.49
C ARG A 65 11.52 -7.92 17.31
N LEU A 66 12.09 -7.73 16.12
CA LEU A 66 11.31 -7.61 14.91
C LEU A 66 10.50 -8.89 14.63
N ALA A 67 11.19 -10.03 14.62
CA ALA A 67 10.51 -11.30 14.39
C ALA A 67 9.31 -11.51 15.35
N ASP A 68 9.53 -11.28 16.65
CA ASP A 68 8.44 -11.47 17.62
CA ASP A 68 8.45 -11.45 17.63
C ASP A 68 7.32 -10.44 17.41
N TYR A 69 7.69 -9.21 17.07
CA TYR A 69 6.70 -8.17 16.86
C TYR A 69 5.77 -8.54 15.71
N ALA A 70 6.37 -8.87 14.56
CA ALA A 70 5.60 -9.20 13.36
C ALA A 70 4.79 -10.48 13.55
N ARG A 71 5.43 -11.52 14.09
CA ARG A 71 4.76 -12.81 14.30
C ARG A 71 3.53 -12.70 15.18
N THR A 72 3.56 -11.83 16.17
CA THR A 72 2.45 -11.76 17.13
C THR A 72 1.46 -10.64 16.81
N ALA A 73 1.74 -9.85 15.79
CA ALA A 73 0.93 -8.66 15.51
C ALA A 73 -0.56 -8.99 15.35
N ALA A 74 -0.88 -9.98 14.51
CA ALA A 74 -2.29 -10.31 14.24
C ALA A 74 -3.02 -10.79 15.50
N GLU A 75 -2.39 -11.69 16.24
CA GLU A 75 -3.03 -12.21 17.44
C GLU A 75 -3.15 -11.13 18.51
N ARG A 76 -2.32 -10.10 18.44
CA ARG A 76 -2.46 -8.99 19.39
C ARG A 76 -3.58 -8.03 18.98
N GLY A 77 -4.16 -8.23 17.81
CA GLY A 77 -5.25 -7.39 17.36
C GLY A 77 -4.85 -6.24 16.45
N LEU A 78 -3.57 -6.16 16.07
CA LEU A 78 -3.17 -5.15 15.10
C LEU A 78 -3.81 -5.48 13.76
N ASN A 79 -4.15 -4.44 13.00
CA ASN A 79 -4.75 -4.61 11.68
C ASN A 79 -3.79 -4.16 10.58
N VAL A 80 -2.98 -3.14 10.88
CA VAL A 80 -2.05 -2.56 9.91
C VAL A 80 -0.74 -2.24 10.61
N ILE A 81 0.38 -2.49 9.94
CA ILE A 81 1.67 -2.05 10.44
C ILE A 81 2.25 -1.00 9.50
N ILE A 82 2.66 0.13 10.08
CA ILE A 82 3.38 1.16 9.34
C ILE A 82 4.83 1.10 9.76
N ALA A 83 5.73 0.87 8.82
CA ALA A 83 7.16 0.70 9.16
C ALA A 83 8.02 1.70 8.39
N GLY A 84 8.84 2.46 9.12
CA GLY A 84 9.69 3.46 8.49
C GLY A 84 11.15 3.11 8.70
N ALA A 85 11.96 3.27 7.66
CA ALA A 85 13.40 3.05 7.78
C ALA A 85 14.15 3.75 6.65
N GLY A 86 15.45 3.98 6.86
CA GLY A 86 16.30 4.61 5.86
C GLY A 86 17.51 3.78 5.45
N GLY A 87 18.17 4.17 4.37
CA GLY A 87 19.36 3.48 3.89
C GLY A 87 18.94 2.17 3.27
N ALA A 88 19.68 1.10 3.56
CA ALA A 88 19.27 -0.24 3.19
C ALA A 88 18.11 -0.61 4.10
N ALA A 89 16.90 -0.20 3.70
CA ALA A 89 15.76 -0.20 4.60
C ALA A 89 15.03 -1.53 4.55
N HIS A 90 15.27 -2.37 5.55
CA HIS A 90 14.79 -3.73 5.50
C HIS A 90 13.59 -3.97 6.42
N LEU A 91 13.34 -3.01 7.29
CA LEU A 91 12.30 -3.19 8.33
C LEU A 91 10.92 -3.52 7.76
N PRO A 92 10.42 -2.75 6.76
CA PRO A 92 9.06 -3.12 6.31
C PRO A 92 9.01 -4.50 5.66
N GLY A 93 10.00 -4.84 4.83
CA GLY A 93 9.96 -6.11 4.11
C GLY A 93 10.06 -7.28 5.06
N MET A 94 10.92 -7.17 6.07
CA MET A 94 11.09 -8.29 7.00
C MET A 94 9.88 -8.43 7.91
N CYS A 95 9.23 -7.31 8.19
CA CYS A 95 7.99 -7.36 8.94
CA CYS A 95 7.94 -7.31 8.89
C CYS A 95 6.91 -8.11 8.13
N ALA A 96 6.78 -7.78 6.84
CA ALA A 96 5.79 -8.43 5.99
C ALA A 96 6.09 -9.90 5.80
N ALA A 97 7.36 -10.28 5.88
CA ALA A 97 7.73 -11.68 5.78
C ALA A 97 7.09 -12.51 6.91
N FTR A 98 6.83 -11.88 8.05
CA FTR A 98 6.38 -12.61 9.23
CB FTR A 98 7.28 -12.29 10.43
CG FTR A 98 8.35 -13.32 10.71
CD2 FTR A 98 9.74 -13.07 10.76
CE2 FTR A 98 10.37 -14.28 11.06
CE3 FTR A 98 10.53 -11.92 10.58
CD1 FTR A 98 8.17 -14.66 10.98
NE1 FTR A 98 9.39 -15.25 11.20
CZ2 FTR A 98 11.74 -14.37 11.18
CZ3 FTR A 98 11.87 -12.06 10.70
F FTR A 98 12.64 -10.97 10.52
CH2 FTR A 98 12.50 -13.24 11.00
C FTR A 98 4.93 -12.40 9.60
O FTR A 98 4.45 -12.99 10.57
N THR A 99 4.21 -11.54 8.87
CA THR A 99 2.79 -11.34 9.19
C THR A 99 1.92 -11.34 7.95
N ARG A 100 0.66 -11.74 8.10
CA ARG A 100 -0.27 -11.65 6.98
C ARG A 100 -0.97 -10.29 6.97
N LEU A 101 -0.68 -9.46 7.96
CA LEU A 101 -1.29 -8.13 8.02
C LEU A 101 -0.73 -7.23 6.92
N PRO A 102 -1.54 -6.28 6.45
CA PRO A 102 -1.01 -5.28 5.52
C PRO A 102 0.11 -4.49 6.17
N VAL A 103 1.24 -4.43 5.49
CA VAL A 103 2.39 -3.66 5.97
C VAL A 103 2.65 -2.50 5.00
N LEU A 104 2.73 -1.29 5.55
CA LEU A 104 2.95 -0.09 4.75
C LEU A 104 4.34 0.41 5.07
N GLY A 105 5.09 0.82 4.04
CA GLY A 105 6.48 1.19 4.24
C GLY A 105 6.75 2.66 3.95
N VAL A 106 7.48 3.30 4.85
CA VAL A 106 7.85 4.70 4.66
C VAL A 106 9.37 4.82 4.51
N PRO A 107 9.83 5.22 3.32
CA PRO A 107 11.26 5.45 3.13
C PRO A 107 11.68 6.71 3.86
N VAL A 108 12.58 6.59 4.82
CA VAL A 108 13.08 7.76 5.53
C VAL A 108 14.23 8.35 4.73
N GLU A 109 14.25 9.67 4.62
CA GLU A 109 15.28 10.35 3.86
C GLU A 109 16.66 10.06 4.46
N SER A 110 17.56 9.54 3.64
CA SER A 110 18.92 9.25 4.08
C SER A 110 19.80 10.45 3.83
N ARG A 111 20.93 10.52 4.53
CA ARG A 111 21.81 11.67 4.42
C ARG A 111 22.39 11.81 2.99
N ALA A 112 23.07 10.77 2.50
CA ALA A 112 23.76 10.87 1.23
C ALA A 112 22.83 10.80 0.02
N LEU A 113 22.02 9.75 -0.07
CA LEU A 113 21.24 9.49 -1.27
C LEU A 113 19.80 9.97 -1.17
N LYS A 114 19.51 10.72 -0.11
CA LYS A 114 18.24 11.45 0.03
C LYS A 114 17.01 10.54 -0.06
N GLY A 115 17.15 9.32 0.44
CA GLY A 115 16.04 8.39 0.45
C GLY A 115 15.84 7.58 -0.82
N MET A 116 16.70 7.75 -1.81
CA MET A 116 16.56 6.91 -3.00
C MET A 116 16.93 5.46 -2.67
N ASP A 117 17.93 5.28 -1.80
CA ASP A 117 18.27 3.94 -1.33
C ASP A 117 17.10 3.39 -0.48
N SER A 118 16.61 4.21 0.45
CA SER A 118 15.44 3.83 1.26
C SER A 118 14.28 3.37 0.38
N LEU A 119 13.99 4.16 -0.66
CA LEU A 119 12.82 3.91 -1.50
C LEU A 119 12.97 2.58 -2.24
N LEU A 120 14.10 2.38 -2.91
CA LEU A 120 14.27 1.15 -3.69
C LEU A 120 14.30 -0.10 -2.79
N SER A 121 14.88 0.01 -1.59
CA SER A 121 14.99 -1.12 -0.68
CA SER A 121 14.98 -1.17 -0.75
C SER A 121 13.63 -1.53 -0.12
N ILE A 122 12.67 -0.62 -0.17
CA ILE A 122 11.35 -0.94 0.35
C ILE A 122 10.39 -1.35 -0.76
N VAL A 123 10.33 -0.57 -1.84
CA VAL A 123 9.27 -0.78 -2.82
C VAL A 123 9.51 -2.01 -3.71
N GLN A 124 10.77 -2.40 -3.89
CA GLN A 124 11.08 -3.42 -4.90
C GLN A 124 10.99 -4.86 -4.36
N MET A 125 10.03 -5.10 -3.48
CA MET A 125 9.78 -6.45 -2.93
C MET A 125 9.40 -7.43 -4.04
N PRO A 126 10.01 -8.62 -4.03
CA PRO A 126 9.65 -9.69 -4.97
C PRO A 126 8.23 -10.15 -4.73
N GLY A 127 7.63 -10.79 -5.74
CA GLY A 127 6.26 -11.23 -5.62
C GLY A 127 6.09 -12.27 -4.53
N GLY A 128 5.02 -12.12 -3.74
CA GLY A 128 4.71 -13.10 -2.71
C GLY A 128 4.62 -12.45 -1.34
N VAL A 129 5.39 -11.39 -1.15
CA VAL A 129 5.39 -10.69 0.15
C VAL A 129 5.34 -9.19 -0.09
N PRO A 130 4.14 -8.60 0.03
CA PRO A 130 4.00 -7.19 -0.37
C PRO A 130 4.33 -6.17 0.73
N VAL A 131 4.79 -5.00 0.30
CA VAL A 131 4.82 -3.82 1.17
C VAL A 131 4.22 -2.67 0.38
N GLY A 132 3.16 -2.06 0.90
CA GLY A 132 2.59 -0.89 0.26
C GLY A 132 3.44 0.31 0.60
N THR A 133 4.12 0.88 -0.39
CA THR A 133 5.14 1.89 -0.13
C THR A 133 4.62 3.31 -0.38
N LEU A 134 5.00 4.25 0.51
CA LEU A 134 4.56 5.63 0.37
C LEU A 134 5.79 6.51 0.03
N ALA A 135 5.57 7.82 -0.16
CA ALA A 135 6.64 8.73 -0.59
C ALA A 135 7.80 8.80 0.42
N ILE A 136 8.98 9.16 -0.06
CA ILE A 136 10.09 9.47 0.84
C ILE A 136 9.73 10.60 1.82
N GLY A 137 9.99 10.40 3.10
CA GLY A 137 9.94 11.48 4.08
C GLY A 137 8.59 11.71 4.73
N ALA A 138 8.41 12.93 5.24
CA ALA A 138 7.23 13.29 6.02
C ALA A 138 5.92 13.08 5.27
N SER A 139 5.92 13.36 3.96
CA SER A 139 4.71 13.13 3.16
C SER A 139 4.28 11.68 3.20
N GLY A 140 5.26 10.79 3.09
CA GLY A 140 5.01 9.37 3.10
C GLY A 140 4.52 8.90 4.45
N ALA A 141 5.07 9.47 5.53
CA ALA A 141 4.64 9.07 6.87
C ALA A 141 3.16 9.46 7.07
N LYS A 142 2.83 10.70 6.71
CA LYS A 142 1.45 11.17 6.79
C LYS A 142 0.53 10.29 5.91
N ASN A 143 0.98 9.96 4.70
CA ASN A 143 0.15 9.14 3.82
C ASN A 143 0.01 7.69 4.26
N ALA A 144 1.03 7.16 4.95
CA ALA A 144 0.91 5.80 5.48
C ALA A 144 -0.21 5.77 6.53
N ALA A 145 -0.26 6.79 7.38
CA ALA A 145 -1.32 6.89 8.38
C ALA A 145 -2.68 7.00 7.69
N LEU A 146 -2.77 7.82 6.65
CA LEU A 146 -4.05 7.98 5.93
C LEU A 146 -4.45 6.70 5.21
N LEU A 147 -3.47 5.97 4.68
CA LEU A 147 -3.78 4.73 3.98
C LEU A 147 -4.24 3.69 5.00
N ALA A 148 -3.58 3.65 6.15
CA ALA A 148 -4.04 2.78 7.24
C ALA A 148 -5.48 3.14 7.62
N ALA A 149 -5.76 4.43 7.68
CA ALA A 149 -7.10 4.88 8.03
C ALA A 149 -8.12 4.43 6.99
N SER A 150 -7.76 4.52 5.70
CA SER A 150 -8.66 4.09 4.63
CA SER A 150 -8.63 4.08 4.61
C SER A 150 -8.94 2.59 4.71
N ILE A 151 -7.92 1.82 5.10
CA ILE A 151 -8.11 0.39 5.29
C ILE A 151 -9.08 0.12 6.44
N LEU A 152 -8.86 0.78 7.57
CA LEU A 152 -9.69 0.56 8.75
C LEU A 152 -11.11 1.10 8.54
N ALA A 153 -11.25 2.12 7.69
CA ALA A 153 -12.57 2.71 7.45
C ALA A 153 -13.51 1.76 6.71
N LEU A 154 -12.95 0.75 6.04
CA LEU A 154 -13.76 -0.23 5.33
C LEU A 154 -14.73 -0.94 6.27
N TYR A 155 -14.35 -1.02 7.54
CA TYR A 155 -15.07 -1.82 8.54
CA TYR A 155 -15.20 -1.77 8.49
C TYR A 155 -15.70 -0.99 9.66
C TYR A 155 -15.36 -1.03 9.80
N ASN A 156 -15.35 0.30 9.72
CA ASN A 156 -15.66 1.15 10.85
C ASN A 156 -16.33 2.43 10.35
N PRO A 157 -17.66 2.49 10.36
CA PRO A 157 -18.44 3.62 9.85
C PRO A 157 -18.09 4.97 10.51
N ALA A 158 -17.87 4.96 11.82
CA ALA A 158 -17.52 6.22 12.51
C ALA A 158 -16.18 6.75 12.00
N LEU A 159 -15.21 5.86 11.86
CA LEU A 159 -13.91 6.26 11.33
C LEU A 159 -14.02 6.69 9.86
N ALA A 160 -14.81 5.96 9.08
CA ALA A 160 -15.03 6.35 7.68
C ALA A 160 -15.55 7.78 7.60
N ALA A 161 -16.44 8.15 8.51
CA ALA A 161 -16.99 9.50 8.53
C ALA A 161 -15.90 10.52 8.86
N ARG A 162 -15.08 10.22 9.87
CA ARG A 162 -13.99 11.13 10.22
C ARG A 162 -12.98 11.27 9.08
N LEU A 163 -12.68 10.18 8.38
CA LEU A 163 -11.77 10.24 7.24
C LEU A 163 -12.36 11.08 6.11
N GLU A 164 -13.66 10.92 5.86
CA GLU A 164 -14.30 11.73 4.82
C GLU A 164 -14.28 13.21 5.22
N THR A 165 -14.44 13.49 6.51
CA THR A 165 -14.34 14.86 7.00
C THR A 165 -12.93 15.41 6.78
N PHE A 166 -11.94 14.59 7.10
CA PHE A 166 -10.55 14.97 6.87
C PHE A 166 -10.33 15.32 5.40
N ARG A 167 -10.77 14.45 4.49
CA ARG A 167 -10.55 14.68 3.06
CA ARG A 167 -10.55 14.69 3.06
C ARG A 167 -11.32 15.90 2.57
N ALA A 168 -12.53 16.10 3.09
CA ALA A 168 -13.35 17.26 2.72
C ALA A 168 -12.68 18.57 3.17
N LEU A 169 -12.13 18.57 4.39
CA LEU A 169 -11.45 19.76 4.92
C LEU A 169 -10.17 20.04 4.14
N GLN A 170 -9.46 18.97 3.83
CA GLN A 170 -8.23 19.09 3.04
C GLN A 170 -8.51 19.75 1.69
N THR A 171 -9.55 19.27 1.02
CA THR A 171 -9.99 19.84 -0.26
C THR A 171 -10.48 21.29 -0.12
N ALA A 172 -11.35 21.51 0.86
CA ALA A 172 -11.98 22.81 1.00
C ALA A 172 -10.99 23.89 1.44
N SER A 173 -9.94 23.50 2.15
CA SER A 173 -8.95 24.43 2.72
C SER A 173 -7.96 25.01 1.72
N VAL A 174 -7.86 24.41 0.54
CA VAL A 174 -6.90 24.87 -0.46
C VAL A 174 -7.32 26.25 -0.96
N PRO A 175 -6.44 27.26 -0.79
CA PRO A 175 -6.80 28.62 -1.21
C PRO A 175 -6.91 28.70 -2.73
N ASN A 176 -7.52 29.75 -3.24
CA ASN A 176 -7.61 29.92 -4.68
C ASN A 176 -6.46 30.72 -5.26
N SER A 177 -5.84 31.57 -4.45
CA SER A 177 -4.70 32.33 -4.97
C SER A 177 -3.54 32.37 -3.99
N PRO A 178 -2.30 32.38 -4.52
CA PRO A 178 -1.11 32.46 -3.67
C PRO A 178 -0.93 33.88 -3.11
N ILE A 179 -0.46 33.99 -1.87
CA ILE A 179 -0.36 35.29 -1.20
C ILE A 179 0.89 36.08 -1.61
N SER B 21 -22.19 -12.09 -5.95
CA SER B 21 -20.74 -11.90 -6.03
C SER B 21 -20.38 -10.61 -6.77
N ALA B 22 -20.75 -9.48 -6.18
CA ALA B 22 -20.36 -8.17 -6.70
C ALA B 22 -18.88 -7.94 -6.44
N PRO B 23 -18.20 -7.17 -7.30
CA PRO B 23 -16.76 -7.03 -7.11
C PRO B 23 -16.41 -6.25 -5.84
N VAL B 24 -15.33 -6.63 -5.16
CA VAL B 24 -14.88 -5.91 -3.98
C VAL B 24 -13.52 -5.28 -4.23
N VAL B 25 -12.86 -5.71 -5.31
CA VAL B 25 -11.63 -5.06 -5.78
C VAL B 25 -11.81 -4.62 -7.23
N GLY B 26 -11.36 -3.42 -7.56
CA GLY B 26 -11.32 -3.00 -8.95
C GLY B 26 -9.87 -2.92 -9.41
N ILE B 27 -9.55 -3.62 -10.49
CA ILE B 27 -8.26 -3.49 -11.14
C ILE B 27 -8.43 -2.61 -12.37
N ILE B 28 -7.71 -1.51 -12.42
CA ILE B 28 -7.80 -0.59 -13.56
C ILE B 28 -6.42 -0.29 -14.11
N MET B 29 -6.36 -0.01 -15.41
CA MET B 29 -5.10 0.24 -16.08
C MET B 29 -5.33 1.17 -17.25
N GLY B 30 -4.29 1.89 -17.66
CA GLY B 30 -4.44 2.89 -18.69
C GLY B 30 -4.62 2.37 -20.11
N SER B 31 -4.18 1.14 -20.36
CA SER B 31 -4.14 0.66 -21.75
C SER B 31 -4.06 -0.86 -21.82
N GLN B 32 -4.32 -1.39 -23.00
CA GLN B 32 -4.25 -2.83 -23.22
C GLN B 32 -2.83 -3.33 -22.98
N SER B 33 -1.85 -2.53 -23.38
CA SER B 33 -0.45 -2.91 -23.19
CA SER B 33 -0.44 -2.86 -23.18
C SER B 33 -0.12 -3.08 -21.70
N ASP B 34 -0.83 -2.37 -20.83
CA ASP B 34 -0.63 -2.52 -19.37
C ASP B 34 -1.12 -3.88 -18.85
N PHE B 35 -2.02 -4.51 -19.60
CA PHE B 35 -2.58 -5.77 -19.11
C PHE B 35 -1.55 -6.90 -19.03
N GLU B 36 -0.50 -6.83 -19.85
CA GLU B 36 0.56 -7.85 -19.79
C GLU B 36 1.16 -7.89 -18.37
N THR B 37 1.19 -6.73 -17.73
CA THR B 37 1.61 -6.63 -16.32
C THR B 37 0.45 -6.89 -15.37
N MET B 38 -0.68 -6.22 -15.57
CA MET B 38 -1.77 -6.25 -14.60
C MET B 38 -2.53 -7.57 -14.57
N ARG B 39 -2.38 -8.39 -15.62
CA ARG B 39 -3.03 -9.70 -15.62
C ARG B 39 -2.58 -10.55 -14.43
N HIS B 40 -1.39 -10.27 -13.90
CA HIS B 40 -0.90 -11.06 -12.77
C HIS B 40 -1.68 -10.74 -11.50
N ALA B 41 -2.17 -9.51 -11.38
CA ALA B 41 -3.05 -9.17 -10.27
C ALA B 41 -4.41 -9.84 -10.44
N ASP B 42 -4.93 -9.81 -11.67
CA ASP B 42 -6.21 -10.43 -12.00
C ASP B 42 -6.20 -11.91 -11.64
N ALA B 43 -5.14 -12.60 -12.07
CA ALA B 43 -5.04 -14.04 -11.86
C ALA B 43 -4.99 -14.38 -10.37
N LEU B 44 -4.23 -13.59 -9.62
CA LEU B 44 -4.04 -13.89 -8.20
C LEU B 44 -5.34 -13.68 -7.40
N LEU B 45 -6.06 -12.59 -7.67
CA LEU B 45 -7.36 -12.41 -7.02
C LEU B 45 -8.32 -13.58 -7.33
N THR B 46 -8.32 -14.04 -8.58
CA THR B 46 -9.14 -15.21 -8.93
C THR B 46 -8.71 -16.44 -8.14
N GLU B 47 -7.41 -16.68 -8.02
CA GLU B 47 -6.97 -17.86 -7.28
C GLU B 47 -7.33 -17.78 -5.80
N LEU B 48 -7.39 -16.57 -5.24
CA LEU B 48 -7.79 -16.40 -3.85
C LEU B 48 -9.31 -16.25 -3.68
N GLU B 49 -10.03 -16.43 -4.79
CA GLU B 49 -11.49 -16.34 -4.81
C GLU B 49 -11.99 -14.99 -4.32
N ILE B 50 -11.36 -13.93 -4.79
CA ILE B 50 -11.80 -12.57 -4.47
C ILE B 50 -12.52 -11.96 -5.67
N PRO B 51 -13.83 -11.69 -5.51
CA PRO B 51 -14.61 -11.12 -6.61
C PRO B 51 -14.05 -9.77 -7.01
N HIS B 52 -13.85 -9.55 -8.31
CA HIS B 52 -13.20 -8.32 -8.75
C HIS B 52 -13.62 -7.96 -10.17
N GLU B 53 -13.37 -6.71 -10.56
CA GLU B 53 -13.57 -6.29 -11.94
C GLU B 53 -12.23 -5.81 -12.48
N THR B 54 -12.05 -5.97 -13.78
CA THR B 54 -10.78 -5.61 -14.40
C THR B 54 -11.08 -4.77 -15.61
N LEU B 55 -10.65 -3.52 -15.59
CA LEU B 55 -11.12 -2.51 -16.53
C LEU B 55 -9.99 -1.66 -17.07
N ILE B 56 -10.22 -1.06 -18.22
CA ILE B 56 -9.31 -0.04 -18.71
C ILE B 56 -9.92 1.34 -18.42
N VAL B 57 -9.11 2.18 -17.79
CA VAL B 57 -9.47 3.56 -17.47
C VAL B 57 -8.20 4.38 -17.71
N SER B 58 -8.24 5.29 -18.68
CA SER B 58 -7.05 6.07 -19.01
C SER B 58 -7.13 7.43 -18.32
N ALA B 59 -6.14 7.75 -17.49
CA ALA B 59 -6.13 9.06 -16.82
C ALA B 59 -6.10 10.17 -17.86
N HIS B 60 -5.33 9.98 -18.92
CA HIS B 60 -5.09 11.07 -19.87
C HIS B 60 -6.06 11.09 -21.05
N ARG B 61 -6.60 9.93 -21.41
CA ARG B 61 -7.49 9.86 -22.56
C ARG B 61 -8.97 9.71 -22.17
N THR B 62 -9.24 9.21 -20.96
CA THR B 62 -10.62 9.16 -20.47
C THR B 62 -10.73 9.75 -19.06
N PRO B 63 -10.35 11.04 -18.90
CA PRO B 63 -10.34 11.62 -17.55
C PRO B 63 -11.73 11.67 -16.90
N ASP B 64 -12.80 11.87 -17.66
CA ASP B 64 -14.14 11.87 -17.07
C ASP B 64 -14.56 10.46 -16.62
N ARG B 65 -14.18 9.46 -17.40
CA ARG B 65 -14.42 8.07 -16.99
C ARG B 65 -13.73 7.78 -15.66
N LEU B 66 -12.48 8.23 -15.54
CA LEU B 66 -11.71 8.04 -14.32
C LEU B 66 -12.40 8.72 -13.14
N ALA B 67 -12.80 9.97 -13.33
CA ALA B 67 -13.42 10.71 -12.23
C ALA B 67 -14.68 9.98 -11.76
N ASP B 68 -15.51 9.56 -12.72
CA ASP B 68 -16.75 8.86 -12.39
CA ASP B 68 -16.75 8.87 -12.39
C ASP B 68 -16.47 7.53 -11.71
N TYR B 69 -15.47 6.81 -12.22
CA TYR B 69 -15.17 5.48 -11.66
C TYR B 69 -14.74 5.60 -10.20
N ALA B 70 -13.82 6.52 -9.93
CA ALA B 70 -13.28 6.70 -8.59
C ALA B 70 -14.32 7.23 -7.61
N ARG B 71 -15.08 8.24 -8.05
N ARG B 71 -15.12 8.21 -8.03
CA ARG B 71 -16.10 8.85 -7.20
CA ARG B 71 -16.04 8.82 -7.07
C ARG B 71 -17.11 7.82 -6.72
C ARG B 71 -17.28 7.95 -6.80
N THR B 72 -17.50 6.91 -7.60
CA THR B 72 -18.61 5.99 -7.32
C THR B 72 -18.16 4.64 -6.77
N ALA B 73 -16.85 4.43 -6.64
CA ALA B 73 -16.32 3.12 -6.28
C ALA B 73 -16.86 2.61 -4.94
N ALA B 74 -16.81 3.48 -3.93
CA ALA B 74 -17.24 3.10 -2.58
C ALA B 74 -18.73 2.76 -2.52
N GLU B 75 -19.55 3.60 -3.11
CA GLU B 75 -20.99 3.36 -3.11
C GLU B 75 -21.34 2.12 -3.94
N ARG B 76 -20.48 1.73 -4.87
CA ARG B 76 -20.70 0.50 -5.64
C ARG B 76 -20.27 -0.75 -4.87
N GLY B 77 -19.64 -0.59 -3.70
CA GLY B 77 -19.26 -1.74 -2.91
C GLY B 77 -17.82 -2.17 -3.07
N LEU B 78 -17.06 -1.44 -3.88
CA LEU B 78 -15.63 -1.73 -3.98
C LEU B 78 -14.94 -1.41 -2.65
N ASN B 79 -13.93 -2.19 -2.30
CA ASN B 79 -13.19 -2.00 -1.07
C ASN B 79 -11.75 -1.55 -1.33
N VAL B 80 -11.16 -2.03 -2.43
CA VAL B 80 -9.79 -1.70 -2.78
C VAL B 80 -9.70 -1.44 -4.29
N ILE B 81 -8.90 -0.47 -4.68
CA ILE B 81 -8.60 -0.27 -6.10
C ILE B 81 -7.12 -0.53 -6.32
N ILE B 82 -6.83 -1.36 -7.33
CA ILE B 82 -5.49 -1.59 -7.83
C ILE B 82 -5.36 -0.90 -9.19
N ALA B 83 -4.43 0.03 -9.29
CA ALA B 83 -4.27 0.85 -10.50
C ALA B 83 -2.88 0.72 -11.06
N GLY B 84 -2.77 0.39 -12.35
CA GLY B 84 -1.48 0.25 -12.98
C GLY B 84 -1.28 1.26 -14.09
N ALA B 85 -0.09 1.83 -14.20
CA ALA B 85 0.20 2.75 -15.30
C ALA B 85 1.71 2.92 -15.46
N GLY B 86 2.14 3.37 -16.63
CA GLY B 86 3.54 3.53 -16.94
C GLY B 86 3.88 4.94 -17.43
N GLY B 87 5.17 5.26 -17.45
CA GLY B 87 5.64 6.56 -17.89
C GLY B 87 5.28 7.61 -16.85
N ALA B 88 4.70 8.72 -17.31
CA ALA B 88 4.11 9.69 -16.39
C ALA B 88 2.81 9.09 -15.89
N ALA B 89 2.91 8.26 -14.85
CA ALA B 89 1.80 7.40 -14.46
C ALA B 89 0.87 8.11 -13.49
N HIS B 90 -0.23 8.66 -13.98
CA HIS B 90 -1.08 9.51 -13.14
C HIS B 90 -2.35 8.81 -12.66
N LEU B 91 -2.65 7.64 -13.23
CA LEU B 91 -3.90 6.95 -12.94
C LEU B 91 -4.08 6.64 -11.44
N PRO B 92 -3.07 6.04 -10.76
CA PRO B 92 -3.33 5.71 -9.36
C PRO B 92 -3.55 6.95 -8.49
N GLY B 93 -2.73 7.98 -8.69
CA GLY B 93 -2.85 9.18 -7.88
C GLY B 93 -4.17 9.91 -8.11
N MET B 94 -4.60 9.99 -9.36
CA MET B 94 -5.85 10.72 -9.63
C MET B 94 -7.07 9.92 -9.17
N CYS B 95 -6.95 8.59 -9.18
CA CYS B 95 -7.97 7.74 -8.59
CA CYS B 95 -7.93 7.72 -8.55
C CYS B 95 -8.11 8.04 -7.10
N ALA B 96 -6.98 8.05 -6.39
CA ALA B 96 -6.97 8.29 -4.95
C ALA B 96 -7.51 9.68 -4.61
N ALA B 97 -7.33 10.65 -5.51
CA ALA B 97 -7.84 11.99 -5.28
C ALA B 97 -9.37 12.00 -5.14
N FTR B 98 -10.02 10.99 -5.73
CA FTR B 98 -11.48 10.99 -5.85
CB FTR B 98 -11.89 10.90 -7.31
CG FTR B 98 -12.26 12.21 -7.97
CD2 FTR B 98 -11.69 12.73 -9.15
CE2 FTR B 98 -12.32 13.95 -9.43
CE3 FTR B 98 -10.69 12.28 -10.04
CD1 FTR B 98 -13.21 13.12 -7.54
NE1 FTR B 98 -13.25 14.16 -8.43
CZ2 FTR B 98 -11.98 14.70 -10.53
CZ3 FTR B 98 -10.39 13.06 -11.10
F FTR B 98 -9.42 12.65 -11.96
CH2 FTR B 98 -11.00 14.25 -11.38
C FTR B 98 -12.16 9.94 -5.03
O FTR B 98 -13.39 9.83 -5.07
N THR B 99 -11.41 9.13 -4.29
CA THR B 99 -12.03 8.11 -3.44
C THR B 99 -11.37 8.01 -2.07
N ARG B 100 -12.13 7.66 -1.04
CA ARG B 100 -11.54 7.41 0.27
C ARG B 100 -11.07 5.95 0.41
N LEU B 101 -11.35 5.13 -0.60
CA LEU B 101 -10.90 3.74 -0.58
C LEU B 101 -9.38 3.66 -0.65
N PRO B 102 -8.79 2.59 -0.09
CA PRO B 102 -7.35 2.43 -0.32
C PRO B 102 -7.06 2.17 -1.80
N VAL B 103 -6.11 2.91 -2.35
CA VAL B 103 -5.69 2.72 -3.73
C VAL B 103 -4.25 2.22 -3.75
N LEU B 104 -4.03 1.11 -4.45
CA LEU B 104 -2.70 0.51 -4.58
C LEU B 104 -2.21 0.77 -5.99
N GLY B 105 -0.94 1.15 -6.12
CA GLY B 105 -0.41 1.51 -7.43
C GLY B 105 0.67 0.57 -7.91
N VAL B 106 0.58 0.16 -9.18
CA VAL B 106 1.58 -0.71 -9.79
C VAL B 106 2.30 0.04 -10.91
N PRO B 107 3.61 0.32 -10.74
CA PRO B 107 4.37 0.96 -11.80
C PRO B 107 4.61 -0.02 -12.94
N VAL B 108 4.11 0.31 -14.12
CA VAL B 108 4.34 -0.54 -15.29
C VAL B 108 5.67 -0.18 -15.91
N GLU B 109 6.46 -1.19 -16.25
CA GLU B 109 7.79 -0.95 -16.78
C GLU B 109 7.70 -0.17 -18.09
N SER B 110 8.48 0.89 -18.20
CA SER B 110 8.47 1.71 -19.42
C SER B 110 9.67 1.38 -20.31
N ARG B 111 9.58 1.71 -21.59
CA ARG B 111 10.63 1.33 -22.54
C ARG B 111 11.99 1.98 -22.23
N ALA B 112 12.04 3.31 -22.26
CA ALA B 112 13.32 3.98 -22.11
C ALA B 112 13.83 3.91 -20.68
N LEU B 113 13.00 4.31 -19.73
CA LEU B 113 13.45 4.50 -18.36
C LEU B 113 13.16 3.31 -17.44
N LYS B 114 12.65 2.22 -18.02
CA LYS B 114 12.54 0.92 -17.34
C LYS B 114 11.69 1.00 -16.09
N GLY B 115 10.69 1.86 -16.11
CA GLY B 115 9.78 1.98 -14.98
C GLY B 115 10.21 2.96 -13.89
N MET B 116 11.40 3.58 -14.00
CA MET B 116 11.81 4.56 -12.99
CA MET B 116 11.80 4.57 -13.00
C MET B 116 10.87 5.77 -13.03
N ASP B 117 10.47 6.18 -14.23
CA ASP B 117 9.49 7.28 -14.34
C ASP B 117 8.14 6.83 -13.77
N SER B 118 7.72 5.61 -14.12
CA SER B 118 6.48 5.04 -13.57
C SER B 118 6.49 5.02 -12.06
N LEU B 119 7.60 4.55 -11.49
CA LEU B 119 7.71 4.41 -10.04
C LEU B 119 7.61 5.78 -9.34
N LEU B 120 8.44 6.73 -9.77
CA LEU B 120 8.48 8.03 -9.11
C LEU B 120 7.14 8.75 -9.26
N SER B 121 6.49 8.61 -10.41
CA SER B 121 5.19 9.25 -10.68
CA SER B 121 5.23 9.32 -10.63
C SER B 121 4.08 8.73 -9.78
N ILE B 122 4.26 7.52 -9.28
CA ILE B 122 3.21 6.91 -8.45
C ILE B 122 3.53 7.06 -6.95
N VAL B 123 4.75 6.75 -6.57
CA VAL B 123 5.04 6.63 -5.14
C VAL B 123 5.19 8.02 -4.46
N GLN B 124 5.59 9.04 -5.21
CA GLN B 124 5.97 10.32 -4.60
C GLN B 124 4.76 11.26 -4.38
N MET B 125 3.60 10.67 -4.09
CA MET B 125 2.41 11.45 -3.76
C MET B 125 2.65 12.33 -2.54
N PRO B 126 2.33 13.63 -2.65
CA PRO B 126 2.43 14.56 -1.52
C PRO B 126 1.46 14.16 -0.41
N GLY B 127 1.71 14.66 0.81
CA GLY B 127 0.91 14.26 1.95
C GLY B 127 -0.54 14.66 1.79
N GLY B 128 -1.46 13.76 2.11
CA GLY B 128 -2.88 14.06 2.06
C GLY B 128 -3.64 13.06 1.21
N VAL B 129 -2.99 12.56 0.17
CA VAL B 129 -3.62 11.61 -0.76
C VAL B 129 -2.68 10.44 -1.04
N PRO B 130 -2.91 9.30 -0.37
CA PRO B 130 -1.93 8.21 -0.46
C PRO B 130 -2.16 7.27 -1.64
N VAL B 131 -1.06 6.71 -2.13
CA VAL B 131 -1.13 5.52 -3.00
C VAL B 131 -0.12 4.51 -2.48
N GLY B 132 -0.59 3.33 -2.08
CA GLY B 132 0.31 2.30 -1.60
C GLY B 132 0.97 1.66 -2.82
N THR B 133 2.28 1.84 -2.98
CA THR B 133 2.95 1.50 -4.23
C THR B 133 3.72 0.19 -4.10
N LEU B 134 3.64 -0.63 -5.15
CA LEU B 134 4.31 -1.93 -5.20
C LEU B 134 5.47 -1.87 -6.19
N ALA B 135 6.22 -2.95 -6.32
CA ALA B 135 7.42 -2.99 -7.18
C ALA B 135 7.07 -2.74 -8.64
N ILE B 136 8.06 -2.30 -9.41
CA ILE B 136 7.90 -2.19 -10.87
C ILE B 136 7.60 -3.57 -11.47
N GLY B 137 6.55 -3.62 -12.30
CA GLY B 137 6.33 -4.79 -13.15
C GLY B 137 5.45 -5.88 -12.57
N ALA B 138 5.63 -7.09 -13.07
CA ALA B 138 4.80 -8.25 -12.72
C ALA B 138 4.82 -8.55 -11.23
N SER B 139 5.98 -8.40 -10.59
CA SER B 139 6.07 -8.62 -9.15
C SER B 139 5.17 -7.68 -8.37
N GLY B 140 5.12 -6.43 -8.81
CA GLY B 140 4.28 -5.44 -8.16
C GLY B 140 2.81 -5.72 -8.35
N ALA B 141 2.43 -6.21 -9.53
CA ALA B 141 1.03 -6.55 -9.78
C ALA B 141 0.60 -7.72 -8.89
N LYS B 142 1.41 -8.78 -8.82
CA LYS B 142 1.07 -9.88 -7.94
C LYS B 142 0.97 -9.38 -6.50
N ASN B 143 1.93 -8.56 -6.08
CA ASN B 143 1.91 -8.08 -4.70
C ASN B 143 0.76 -7.12 -4.40
N ALA B 144 0.30 -6.36 -5.39
CA ALA B 144 -0.88 -5.51 -5.21
C ALA B 144 -2.10 -6.38 -4.89
N ALA B 145 -2.25 -7.50 -5.61
CA ALA B 145 -3.34 -8.43 -5.34
C ALA B 145 -3.21 -9.00 -3.93
N LEU B 146 -1.99 -9.37 -3.55
CA LEU B 146 -1.78 -9.95 -2.22
C LEU B 146 -2.02 -8.92 -1.12
N LEU B 147 -1.62 -7.68 -1.37
CA LEU B 147 -1.86 -6.62 -0.37
C LEU B 147 -3.35 -6.37 -0.26
N ALA B 148 -4.06 -6.33 -1.39
CA ALA B 148 -5.51 -6.19 -1.38
C ALA B 148 -6.14 -7.34 -0.61
N ALA B 149 -5.64 -8.56 -0.84
CA ALA B 149 -6.12 -9.74 -0.12
C ALA B 149 -5.90 -9.58 1.39
N SER B 150 -4.73 -9.07 1.79
CA SER B 150 -4.46 -8.90 3.22
CA SER B 150 -4.42 -8.86 3.21
C SER B 150 -5.39 -7.87 3.86
N ILE B 151 -5.76 -6.84 3.10
CA ILE B 151 -6.69 -5.82 3.58
C ILE B 151 -8.07 -6.45 3.80
N LEU B 152 -8.53 -7.21 2.81
CA LEU B 152 -9.85 -7.81 2.86
C LEU B 152 -9.91 -8.92 3.92
N ALA B 153 -8.77 -9.54 4.18
CA ALA B 153 -8.69 -10.66 5.12
C ALA B 153 -8.90 -10.20 6.56
N LEU B 154 -8.78 -8.90 6.78
CA LEU B 154 -9.01 -8.33 8.11
C LEU B 154 -10.44 -8.55 8.59
N TYR B 155 -11.38 -8.66 7.66
CA TYR B 155 -12.80 -8.76 7.99
CA TYR B 155 -12.78 -8.81 8.00
C TYR B 155 -13.43 -10.08 7.52
C TYR B 155 -13.41 -9.86 7.12
N ASN B 156 -12.64 -10.91 6.83
CA ASN B 156 -13.13 -12.10 6.16
C ASN B 156 -12.27 -13.30 6.56
N PRO B 157 -12.71 -14.06 7.59
CA PRO B 157 -11.96 -15.19 8.15
C PRO B 157 -11.65 -16.28 7.13
N ALA B 158 -12.58 -16.54 6.22
CA ALA B 158 -12.36 -17.55 5.18
C ALA B 158 -11.17 -17.14 4.32
N LEU B 159 -11.16 -15.88 3.88
CA LEU B 159 -10.08 -15.37 3.05
C LEU B 159 -8.76 -15.30 3.84
N ALA B 160 -8.85 -14.91 5.10
CA ALA B 160 -7.69 -14.93 5.98
C ALA B 160 -7.04 -16.32 5.99
N ALA B 161 -7.88 -17.36 6.06
CA ALA B 161 -7.39 -18.75 6.05
C ALA B 161 -6.77 -19.12 4.70
N ARG B 162 -7.38 -18.67 3.60
CA ARG B 162 -6.84 -18.93 2.27
C ARG B 162 -5.50 -18.21 2.10
N LEU B 163 -5.39 -17.00 2.62
CA LEU B 163 -4.16 -16.24 2.51
C LEU B 163 -3.03 -16.85 3.34
N GLU B 164 -3.36 -17.32 4.54
CA GLU B 164 -2.37 -17.96 5.40
CA GLU B 164 -2.36 -17.96 5.39
C GLU B 164 -1.89 -19.26 4.75
N THR B 165 -2.81 -19.95 4.07
CA THR B 165 -2.48 -21.17 3.35
C THR B 165 -1.54 -20.87 2.16
N PHE B 166 -1.86 -19.82 1.42
CA PHE B 166 -1.00 -19.36 0.33
C PHE B 166 0.43 -19.11 0.84
N ARG B 167 0.55 -18.41 1.97
CA ARG B 167 1.85 -18.04 2.53
C ARG B 167 2.60 -19.27 3.06
N ALA B 168 1.87 -20.23 3.62
CA ALA B 168 2.47 -21.46 4.11
C ALA B 168 3.01 -22.29 2.95
N LEU B 169 2.23 -22.40 1.88
CA LEU B 169 2.67 -23.18 0.72
C LEU B 169 3.88 -22.51 0.06
N GLN B 170 3.83 -21.19 -0.02
CA GLN B 170 4.95 -20.41 -0.53
C GLN B 170 6.24 -20.75 0.21
N THR B 171 6.16 -20.71 1.53
CA THR B 171 7.30 -21.02 2.38
C THR B 171 7.76 -22.47 2.24
N ALA B 172 6.82 -23.40 2.20
CA ALA B 172 7.13 -24.82 2.11
C ALA B 172 7.71 -25.21 0.75
N SER B 173 7.52 -24.34 -0.25
CA SER B 173 7.93 -24.64 -1.63
C SER B 173 9.38 -24.26 -1.92
N VAL B 174 10.02 -23.57 -0.98
CA VAL B 174 11.40 -23.16 -1.16
C VAL B 174 12.32 -24.34 -0.85
N PRO B 175 13.10 -24.79 -1.86
CA PRO B 175 14.01 -25.91 -1.66
C PRO B 175 15.19 -25.51 -0.78
N ASN B 176 15.94 -26.50 -0.30
CA ASN B 176 17.08 -26.22 0.57
C ASN B 176 18.35 -25.87 -0.19
N SER B 177 18.44 -26.27 -1.45
CA SER B 177 19.64 -26.01 -2.21
C SER B 177 19.31 -25.87 -3.69
N PRO B 178 20.18 -25.18 -4.44
CA PRO B 178 19.89 -24.92 -5.84
C PRO B 178 20.23 -26.13 -6.72
N ILE B 179 19.64 -26.17 -7.91
CA ILE B 179 19.95 -27.21 -8.89
C ILE B 179 21.09 -26.73 -9.79
N THR B 180 22.12 -27.57 -9.95
CA THR B 180 23.24 -27.27 -10.84
C THR B 180 23.14 -28.07 -12.14
N GLU B 181 23.15 -27.38 -13.27
CA GLU B 181 23.10 -28.05 -14.56
C GLU B 181 23.72 -27.23 -15.69
S SO4 C . 18.33 0.27 11.46
O1 SO4 C . 19.61 -0.18 10.90
O2 SO4 C . 17.41 -0.88 11.57
O3 SO4 C . 18.56 0.85 12.80
O4 SO4 C . 17.73 1.29 10.59
C1 EDO D . 4.82 -6.27 21.42
O1 EDO D . 5.15 -4.94 21.85
C2 EDO D . 6.02 -7.19 21.64
O2 EDO D . 5.61 -8.57 21.50
CL CL E . 18.16 4.67 18.40
S SO4 F . -2.66 6.66 -20.33
O1 SO4 F . -2.64 7.35 -21.64
O2 SO4 F . -3.70 5.62 -20.34
O3 SO4 F . -2.97 7.64 -19.27
O4 SO4 F . -1.35 6.05 -20.07
C5 PG0 G . 15.00 -30.03 -5.49
O2 PG0 G . 13.91 -29.11 -5.28
C4 PG0 G . 12.64 -29.62 -5.50
C3 PG0 G . 11.59 -28.66 -4.93
O1 PG0 G . 11.59 -28.75 -3.53
C2 PG0 G . 10.71 -27.87 -2.89
C1 PG0 G . 10.44 -28.36 -1.48
OTT PG0 G . 11.66 -28.41 -0.75
#